data_9U9D
#
_entry.id   9U9D
#
_cell.length_a   51.104
_cell.length_b   51.104
_cell.length_c   201.306
_cell.angle_alpha   90.00
_cell.angle_beta   90.00
_cell.angle_gamma   90.00
#
_symmetry.space_group_name_H-M   'P 41 21 2'
#
loop_
_entity.id
_entity.type
_entity.pdbx_description
1 polymer 'Myosin light chain kinase, smooth muscle, deglutamylated form,Green fluorescent protein,Calmodulin-1'
2 polymer 'Green fluorescent protein'
3 water water
#
loop_
_entity_poly.entity_id
_entity_poly.type
_entity_poly.pdbx_seq_one_letter_code
_entity_poly.pdbx_strand_id
1 'polypeptide(L)'
;MGGSHHHHHHGMASMTGGQQMGRDLYDDDDKDPSSRMVDSSRRKWYKTGHAVRVLRRLSSNVYIMADKQRNGIKANFQIC
HNLVSLRDQLTEEQIAEIKELFSLFDKDGDGTITTRELGTVMRSLGQNPTEAELQDMINEVDADGDGTIDFPEFLAMMAR
KMKYRDTEEEIREAYGVFDKDGNGYISAAELRHVMTNLGEKLTDEEVDEMLREADIDGDGQVNYEEFVQMMTAK
;
A
2 'polypeptide(L)'
;MASWSHPQFEKVNSMDGGVQLAYHYQQNTPIGDGPVLLPDNHYLSTQTKLSKDPNEKRDHMVLLEFVTAAGITRGMDEPY
KGGTGGSMVSKGEELFTGVVPILVELDGDVNGHKFSVSGEGEGDATYGKLTLKFICTTGKLPVPWPTLVTTL(CRO)VQC
FSRYPDHMKQHDFFKSAMPEGYIQERTIFFKDDGNYKTRAEVKFEGDTLVNRIELKGIDFKEDGNILGHKLEYNFN
;
B
#
# COMPACT_ATOMS: atom_id res chain seq x y z
N SER A 59 9.01 6.35 -9.65
CA SER A 59 8.87 6.73 -8.24
C SER A 59 7.61 7.56 -8.00
N SER A 60 6.65 6.98 -7.28
CA SER A 60 5.39 7.67 -6.98
C SER A 60 5.55 8.59 -5.78
N ASN A 61 4.59 9.51 -5.63
CA ASN A 61 4.62 10.49 -4.53
C ASN A 61 3.27 10.53 -3.86
N VAL A 62 3.24 10.18 -2.58
CA VAL A 62 2.03 10.15 -1.78
C VAL A 62 1.96 11.45 -0.99
N TYR A 63 0.97 12.32 -1.27
CA TYR A 63 0.86 13.62 -0.60
C TYR A 63 -0.01 13.53 0.65
N ILE A 64 0.61 13.81 1.80
CA ILE A 64 0.02 13.59 3.11
C ILE A 64 -0.27 14.93 3.77
N MET A 65 -1.44 15.00 4.41
CA MET A 65 -1.90 16.16 5.13
C MET A 65 -2.63 15.69 6.39
N ALA A 66 -2.56 16.50 7.44
CA ALA A 66 -3.25 16.15 8.67
C ALA A 66 -4.76 16.24 8.49
N ASP A 67 -5.48 15.37 9.20
CA ASP A 67 -6.93 15.41 9.24
C ASP A 67 -7.30 15.52 10.71
N LYS A 68 -7.46 16.76 11.18
CA LYS A 68 -7.60 17.00 12.61
C LYS A 68 -8.87 16.35 13.14
N GLN A 69 -9.93 16.36 12.34
CA GLN A 69 -11.22 15.83 12.78
C GLN A 69 -11.12 14.36 13.18
N ARG A 70 -10.43 13.54 12.39
CA ARG A 70 -10.31 12.13 12.72
C ARG A 70 -9.00 11.83 13.45
N ASN A 71 -8.32 12.86 13.95
CA ASN A 71 -7.06 12.69 14.68
C ASN A 71 -6.08 11.85 13.85
N GLY A 72 -6.07 12.07 12.54
CA GLY A 72 -5.27 11.27 11.63
C GLY A 72 -4.78 12.04 10.43
N ILE A 73 -4.71 11.36 9.28
CA ILE A 73 -4.12 11.93 8.07
C ILE A 73 -4.97 11.61 6.86
N LYS A 74 -4.69 12.35 5.80
CA LYS A 74 -5.37 12.18 4.54
C LYS A 74 -4.26 12.11 3.52
N ALA A 75 -4.41 11.28 2.51
CA ALA A 75 -3.38 11.21 1.49
C ALA A 75 -4.08 11.11 0.14
N ASN A 76 -3.42 11.63 -0.88
CA ASN A 76 -3.99 11.54 -2.21
C ASN A 76 -2.82 11.46 -3.20
N PHE A 77 -2.98 10.62 -4.21
CA PHE A 77 -1.90 10.41 -5.17
C PHE A 77 -2.42 9.70 -6.41
N GLN A 78 -1.56 9.68 -7.42
CA GLN A 78 -1.81 9.08 -8.73
C GLN A 78 -0.79 7.98 -8.98
N ILE A 79 -1.29 6.78 -9.29
CA ILE A 79 -0.43 5.69 -9.74
C ILE A 79 -0.65 5.49 -11.24
N CYS A 80 0.46 5.31 -11.99
CA CYS A 80 0.43 5.12 -13.43
CA CYS A 80 0.42 5.12 -13.43
C CYS A 80 0.91 3.71 -13.75
N HIS A 81 0.01 2.85 -14.21
CA HIS A 81 0.31 1.46 -14.55
C HIS A 81 0.60 1.35 -16.04
N ASN A 82 1.73 0.74 -16.41
CA ASN A 82 2.04 0.64 -17.83
C ASN A 82 1.22 -0.47 -18.48
N LEU A 83 0.72 -0.18 -19.67
CA LEU A 83 0.00 -1.18 -20.47
C LEU A 83 0.98 -1.99 -21.30
N VAL A 84 0.67 -3.27 -21.49
CA VAL A 84 1.41 -4.06 -22.46
C VAL A 84 1.05 -3.62 -23.87
N SER A 85 1.91 -3.94 -24.84
CA SER A 85 1.62 -3.55 -26.21
C SER A 85 0.82 -4.64 -26.91
N LEU A 86 0.29 -4.28 -28.09
CA LEU A 86 -0.40 -5.22 -28.97
C LEU A 86 -1.61 -5.88 -28.30
N ARG A 87 -2.49 -5.04 -27.74
CA ARG A 87 -3.80 -5.50 -27.34
C ARG A 87 -4.92 -4.63 -27.88
N ASP A 88 -4.58 -3.55 -28.60
CA ASP A 88 -5.57 -2.57 -29.05
C ASP A 88 -5.74 -2.59 -30.56
N GLY B 17 -2.71 6.65 -23.74
CA GLY B 17 -1.32 7.06 -23.66
C GLY B 17 -0.36 5.96 -23.25
N GLY B 18 -0.80 4.70 -23.41
CA GLY B 18 0.00 3.55 -23.03
C GLY B 18 0.02 3.26 -21.54
N VAL B 19 -0.81 3.94 -20.75
CA VAL B 19 -0.84 3.75 -19.31
C VAL B 19 -2.28 3.66 -18.82
N GLN B 20 -2.43 3.07 -17.64
CA GLN B 20 -3.70 3.02 -16.92
C GLN B 20 -3.56 3.78 -15.61
N LEU B 21 -4.32 4.85 -15.47
CA LEU B 21 -4.23 5.70 -14.28
C LEU B 21 -5.11 5.18 -13.17
N ALA B 22 -4.59 5.22 -11.94
CA ALA B 22 -5.31 4.79 -10.74
C ALA B 22 -5.16 5.89 -9.70
N TYR B 23 -6.27 6.61 -9.46
CA TYR B 23 -6.27 7.71 -8.52
CA TYR B 23 -6.27 7.72 -8.53
C TYR B 23 -6.65 7.25 -7.13
N HIS B 24 -5.81 7.60 -6.15
CA HIS B 24 -5.93 7.10 -4.79
C HIS B 24 -6.39 8.22 -3.86
N TYR B 25 -7.46 7.96 -3.14
CA TYR B 25 -7.84 8.77 -1.99
C TYR B 25 -7.70 7.90 -0.74
N GLN B 26 -7.05 8.44 0.27
CA GLN B 26 -6.66 7.68 1.45
C GLN B 26 -6.92 8.50 2.70
N GLN B 27 -7.38 7.84 3.75
CA GLN B 27 -7.46 8.42 5.08
C GLN B 27 -7.03 7.36 6.09
N ASN B 28 -6.40 7.82 7.17
CA ASN B 28 -5.89 6.95 8.21
C ASN B 28 -6.35 7.48 9.57
N THR B 29 -6.82 6.56 10.42
CA THR B 29 -7.43 6.88 11.71
C THR B 29 -6.76 6.02 12.76
N PRO B 30 -6.28 6.57 13.88
CA PRO B 30 -5.68 5.72 14.92
C PRO B 30 -6.72 4.82 15.57
N ILE B 31 -6.27 3.62 15.94
CA ILE B 31 -7.15 2.69 16.66
C ILE B 31 -7.20 3.04 18.14
N GLY B 32 -6.06 3.35 18.75
CA GLY B 32 -6.02 3.67 20.16
C GLY B 32 -6.37 5.13 20.44
N ASP B 33 -6.49 5.44 21.73
CA ASP B 33 -6.80 6.80 22.16
C ASP B 33 -5.58 7.59 22.62
N GLY B 34 -4.38 7.02 22.54
CA GLY B 34 -3.19 7.69 22.98
C GLY B 34 -2.70 8.72 21.98
N PRO B 35 -1.66 9.45 22.38
CA PRO B 35 -1.19 10.57 21.55
C PRO B 35 -0.64 10.09 20.21
N VAL B 36 -0.88 10.88 19.17
CA VAL B 36 -0.32 10.63 17.85
C VAL B 36 0.26 11.94 17.32
N LEU B 37 1.10 11.81 16.30
CA LEU B 37 1.69 12.97 15.64
C LEU B 37 0.86 13.36 14.43
N LEU B 38 0.41 14.61 14.40
CA LEU B 38 -0.27 15.10 13.21
C LEU B 38 0.70 15.92 12.37
N PRO B 39 0.95 15.53 11.12
CA PRO B 39 2.09 16.06 10.40
C PRO B 39 1.80 17.37 9.70
N ASP B 40 2.88 18.11 9.44
CA ASP B 40 2.79 19.14 8.42
C ASP B 40 2.80 18.49 7.04
N ASN B 41 2.40 19.28 6.05
CA ASN B 41 2.18 18.78 4.71
C ASN B 41 3.51 18.26 4.17
N HIS B 42 3.48 17.08 3.57
CA HIS B 42 4.70 16.43 3.06
C HIS B 42 4.28 15.28 2.14
N TYR B 43 5.25 14.49 1.69
CA TYR B 43 4.92 13.38 0.81
C TYR B 43 5.90 12.24 1.04
N LEU B 44 5.51 11.05 0.61
CA LEU B 44 6.37 9.88 0.58
C LEU B 44 6.79 9.60 -0.85
N SER B 45 8.08 9.34 -1.04
CA SER B 45 8.62 8.99 -2.34
C SER B 45 8.93 7.50 -2.30
N THR B 46 8.31 6.74 -3.20
CA THR B 46 8.29 5.28 -3.13
C THR B 46 8.82 4.71 -4.44
N GLN B 47 9.80 3.81 -4.35
CA GLN B 47 10.24 3.04 -5.51
C GLN B 47 10.01 1.55 -5.24
N THR B 48 9.54 0.84 -6.27
CA THR B 48 9.09 -0.53 -6.11
C THR B 48 9.63 -1.37 -7.25
N LYS B 49 10.13 -2.56 -6.92
CA LYS B 49 10.62 -3.50 -7.92
C LYS B 49 9.90 -4.82 -7.71
N LEU B 50 9.25 -5.31 -8.76
CA LEU B 50 8.42 -6.51 -8.73
C LEU B 50 9.16 -7.65 -9.43
N SER B 51 9.10 -8.85 -8.86
CA SER B 51 9.82 -9.97 -9.44
C SER B 51 9.05 -11.26 -9.19
N LYS B 52 9.59 -12.36 -9.68
CA LYS B 52 8.95 -13.65 -9.46
C LYS B 52 9.97 -14.66 -8.98
N ASP B 53 9.48 -15.58 -8.17
CA ASP B 53 10.28 -16.66 -7.62
C ASP B 53 10.27 -17.80 -8.61
N PRO B 54 11.39 -18.11 -9.27
CA PRO B 54 11.37 -19.10 -10.37
C PRO B 54 10.85 -20.45 -9.92
N ASN B 55 10.93 -20.76 -8.63
CA ASN B 55 10.55 -22.05 -8.10
C ASN B 55 9.15 -22.06 -7.49
N GLU B 56 8.43 -20.95 -7.57
CA GLU B 56 7.11 -20.84 -6.98
C GLU B 56 6.05 -21.10 -8.04
N LYS B 57 5.33 -22.19 -7.86
CA LYS B 57 4.29 -22.56 -8.82
C LYS B 57 3.03 -21.73 -8.67
N ARG B 58 2.76 -21.22 -7.47
CA ARG B 58 1.52 -20.49 -7.27
C ARG B 58 1.62 -19.10 -7.87
N ASP B 59 0.46 -18.49 -8.07
CA ASP B 59 0.41 -17.12 -8.55
C ASP B 59 0.88 -16.21 -7.41
N HIS B 60 1.87 -15.37 -7.69
CA HIS B 60 2.58 -14.72 -6.59
C HIS B 60 3.27 -13.47 -7.08
N MET B 61 3.76 -12.68 -6.12
CA MET B 61 4.52 -11.47 -6.45
C MET B 61 5.58 -11.29 -5.37
N VAL B 62 6.83 -11.12 -5.81
CA VAL B 62 7.93 -10.75 -4.93
C VAL B 62 8.14 -9.25 -5.09
N LEU B 63 8.31 -8.56 -3.97
CA LEU B 63 8.34 -7.10 -3.95
C LEU B 63 9.49 -6.60 -3.10
N LEU B 64 10.24 -5.64 -3.64
CA LEU B 64 11.28 -4.90 -2.94
C LEU B 64 10.94 -3.42 -3.07
N GLU B 65 10.79 -2.74 -1.94
CA GLU B 65 10.24 -1.39 -1.94
C GLU B 65 11.08 -0.52 -1.02
N PHE B 66 11.30 0.72 -1.42
CA PHE B 66 11.98 1.71 -0.59
C PHE B 66 11.14 2.96 -0.54
N VAL B 67 10.87 3.46 0.67
CA VAL B 67 10.00 4.63 0.84
C VAL B 67 10.71 5.63 1.75
N THR B 68 10.71 6.89 1.33
CA THR B 68 11.37 7.97 2.07
C THR B 68 10.43 9.16 2.14
N ALA B 69 10.22 9.68 3.34
CA ALA B 69 9.47 10.91 3.47
C ALA B 69 10.32 12.10 3.03
N ALA B 70 9.66 13.10 2.47
CA ALA B 70 10.35 14.23 1.87
C ALA B 70 9.40 15.42 1.88
N GLY B 71 9.90 16.56 1.45
CA GLY B 71 9.07 17.72 1.22
C GLY B 71 9.26 18.85 2.22
N ILE B 72 9.90 18.60 3.36
CA ILE B 72 10.21 19.65 4.33
C ILE B 72 11.72 19.80 4.39
N THR B 73 12.18 21.06 4.30
CA THR B 73 13.61 21.34 4.26
C THR B 73 14.22 21.40 5.66
N ARG B 74 13.50 22.03 6.61
CA ARG B 74 13.86 22.14 8.03
C ARG B 74 15.28 21.71 8.40
N SER B 90 6.11 8.38 18.08
CA SER B 90 6.44 9.19 19.26
C SER B 90 7.18 8.36 20.35
N LYS B 91 6.47 7.43 20.99
CA LYS B 91 7.12 6.22 21.50
C LYS B 91 7.08 5.09 20.48
N GLY B 92 6.13 5.16 19.55
CA GLY B 92 5.97 4.10 18.58
C GLY B 92 7.16 3.93 17.65
N GLU B 93 7.91 5.01 17.38
CA GLU B 93 8.97 4.79 16.38
C GLU B 93 10.08 3.92 16.93
N GLU B 94 10.18 3.82 18.26
CA GLU B 94 11.15 2.94 18.89
C GLU B 94 10.92 1.49 18.47
N LEU B 95 9.69 1.14 18.09
CA LEU B 95 9.38 -0.22 17.68
C LEU B 95 9.94 -0.58 16.30
N PHE B 96 10.52 0.39 15.59
CA PHE B 96 10.91 0.18 14.19
C PHE B 96 12.41 0.36 13.97
N THR B 97 13.21 0.41 15.04
CA THR B 97 14.62 0.72 14.85
C THR B 97 15.41 -0.42 14.24
N GLY B 98 14.87 -1.64 14.28
CA GLY B 98 15.51 -2.81 13.71
C GLY B 98 14.65 -3.46 12.64
N VAL B 99 15.00 -4.68 12.21
CA VAL B 99 14.20 -5.42 11.23
C VAL B 99 12.97 -5.97 11.91
N VAL B 100 11.80 -5.76 11.32
CA VAL B 100 10.52 -6.12 11.92
C VAL B 100 9.81 -7.09 10.99
N PRO B 101 9.38 -8.27 11.46
CA PRO B 101 8.65 -9.19 10.58
C PRO B 101 7.27 -8.66 10.25
N ILE B 102 6.81 -8.94 9.03
CA ILE B 102 5.53 -8.42 8.51
C ILE B 102 4.66 -9.59 8.05
N LEU B 103 3.37 -9.50 8.33
CA LEU B 103 2.40 -10.44 7.80
C LEU B 103 1.29 -9.63 7.16
N VAL B 104 0.82 -10.05 5.99
CA VAL B 104 -0.23 -9.35 5.27
C VAL B 104 -1.30 -10.35 4.87
N GLU B 105 -2.56 -10.01 5.12
CA GLU B 105 -3.67 -10.88 4.73
C GLU B 105 -4.73 -10.02 4.07
N LEU B 106 -5.15 -10.40 2.88
CA LEU B 106 -6.11 -9.63 2.12
C LEU B 106 -7.24 -10.53 1.68
N ASP B 107 -8.48 -10.08 1.88
CA ASP B 107 -9.66 -10.75 1.37
C ASP B 107 -10.26 -9.85 0.31
N GLY B 108 -10.42 -10.37 -0.90
CA GLY B 108 -10.81 -9.56 -2.04
C GLY B 108 -12.04 -10.08 -2.75
N ASP B 109 -12.80 -9.13 -3.31
CA ASP B 109 -14.00 -9.35 -4.10
C ASP B 109 -13.99 -8.30 -5.19
N VAL B 110 -13.73 -8.70 -6.43
CA VAL B 110 -13.69 -7.77 -7.56
C VAL B 110 -14.70 -8.26 -8.58
N ASN B 111 -15.79 -7.50 -8.75
CA ASN B 111 -16.85 -7.88 -9.69
C ASN B 111 -17.42 -9.25 -9.39
N GLY B 112 -17.39 -9.65 -8.12
CA GLY B 112 -17.85 -10.96 -7.72
C GLY B 112 -16.77 -12.02 -7.68
N HIS B 113 -15.60 -11.74 -8.25
CA HIS B 113 -14.48 -12.66 -8.21
C HIS B 113 -13.84 -12.57 -6.83
N LYS B 114 -14.02 -13.63 -6.03
CA LYS B 114 -13.42 -13.73 -4.71
C LYS B 114 -11.98 -14.22 -4.83
N PHE B 115 -11.10 -13.67 -4.01
CA PHE B 115 -9.72 -14.12 -3.96
C PHE B 115 -9.10 -13.73 -2.63
N SER B 116 -8.06 -14.45 -2.23
CA SER B 116 -7.36 -14.20 -0.97
C SER B 116 -5.86 -14.14 -1.25
N VAL B 117 -5.16 -13.23 -0.56
CA VAL B 117 -3.72 -13.07 -0.72
C VAL B 117 -3.09 -13.07 0.67
N SER B 118 -2.00 -13.82 0.83
CA SER B 118 -1.19 -13.76 2.05
C SER B 118 0.21 -13.31 1.70
N GLY B 119 0.80 -12.49 2.56
CA GLY B 119 2.17 -12.06 2.35
C GLY B 119 2.98 -12.22 3.62
N GLU B 120 4.28 -12.46 3.44
CA GLU B 120 5.18 -12.35 4.57
C GLU B 120 6.52 -11.74 4.13
N GLY B 121 7.23 -11.20 5.11
CA GLY B 121 8.48 -10.53 4.82
C GLY B 121 8.94 -9.75 6.02
N GLU B 122 9.68 -8.67 5.74
CA GLU B 122 10.18 -7.88 6.85
C GLU B 122 10.39 -6.45 6.38
N GLY B 123 10.40 -5.54 7.33
CA GLY B 123 10.63 -4.14 7.04
C GLY B 123 11.77 -3.64 7.89
N ASP B 124 12.58 -2.76 7.31
CA ASP B 124 13.71 -2.10 7.98
C ASP B 124 13.51 -0.60 7.79
N ALA B 125 12.72 0.04 8.68
CA ALA B 125 12.39 1.45 8.49
C ALA B 125 13.61 2.36 8.52
N THR B 126 14.71 1.93 9.14
CA THR B 126 15.95 2.70 9.11
C THR B 126 16.35 3.02 7.67
N TYR B 127 16.05 2.11 6.74
CA TYR B 127 16.37 2.30 5.33
C TYR B 127 15.12 2.36 4.49
N GLY B 128 13.95 2.49 5.13
CA GLY B 128 12.68 2.59 4.42
C GLY B 128 12.38 1.37 3.60
N LYS B 129 12.87 0.21 4.00
CA LYS B 129 13.03 -0.96 3.14
C LYS B 129 11.99 -2.01 3.48
N LEU B 130 11.30 -2.51 2.44
CA LEU B 130 10.35 -3.60 2.57
C LEU B 130 10.80 -4.72 1.65
N THR B 131 10.78 -5.94 2.15
CA THR B 131 10.96 -7.12 1.32
C THR B 131 9.86 -8.10 1.66
N LEU B 132 9.02 -8.40 0.67
CA LEU B 132 7.83 -9.22 0.88
C LEU B 132 7.58 -10.16 -0.29
N LYS B 133 6.98 -11.30 0.02
CA LYS B 133 6.48 -12.21 -0.99
C LYS B 133 5.00 -12.44 -0.73
N PHE B 134 4.18 -12.25 -1.76
CA PHE B 134 2.73 -12.40 -1.65
C PHE B 134 2.29 -13.59 -2.50
N ILE B 135 1.29 -14.32 -2.01
CA ILE B 135 0.76 -15.50 -2.69
C ILE B 135 -0.76 -15.38 -2.78
N CYS B 136 -1.30 -15.62 -3.98
CA CYS B 136 -2.75 -15.80 -4.10
C CYS B 136 -3.08 -17.23 -3.68
N THR B 137 -3.76 -17.37 -2.55
CA THR B 137 -4.02 -18.69 -2.00
C THR B 137 -5.28 -19.34 -2.56
N THR B 138 -6.03 -18.63 -3.38
CA THR B 138 -7.27 -19.16 -3.93
C THR B 138 -7.15 -19.58 -5.39
N GLY B 139 -5.95 -19.52 -5.96
CA GLY B 139 -5.72 -19.91 -7.34
C GLY B 139 -5.22 -18.73 -8.14
N LYS B 140 -5.79 -18.54 -9.33
CA LYS B 140 -5.38 -17.45 -10.21
C LYS B 140 -5.88 -16.13 -9.64
N LEU B 141 -4.99 -15.14 -9.53
CA LEU B 141 -5.43 -13.83 -9.11
C LEU B 141 -6.25 -13.20 -10.22
N PRO B 142 -7.48 -12.73 -9.95
CA PRO B 142 -8.33 -12.26 -11.05
C PRO B 142 -8.07 -10.82 -11.48
N VAL B 143 -7.05 -10.18 -10.94
CA VAL B 143 -6.63 -8.82 -11.32
C VAL B 143 -5.12 -8.81 -11.40
N PRO B 144 -4.52 -7.81 -12.06
CA PRO B 144 -3.05 -7.81 -12.14
C PRO B 144 -2.43 -7.46 -10.80
N TRP B 145 -1.37 -8.21 -10.45
CA TRP B 145 -0.60 -7.92 -9.23
C TRP B 145 -0.29 -6.44 -9.03
N PRO B 146 0.19 -5.69 -10.04
CA PRO B 146 0.53 -4.29 -9.78
C PRO B 146 -0.63 -3.46 -9.26
N THR B 147 -1.88 -3.81 -9.58
CA THR B 147 -3.00 -3.04 -9.04
C THR B 147 -3.22 -3.24 -7.55
N LEU B 148 -2.58 -4.23 -6.93
CA LEU B 148 -2.73 -4.48 -5.50
C LEU B 148 -1.54 -3.96 -4.69
N VAL B 149 -0.51 -3.43 -5.33
CA VAL B 149 0.69 -3.04 -4.59
C VAL B 149 0.36 -2.05 -3.50
N THR B 150 -0.36 -0.97 -3.85
CA THR B 150 -0.58 0.08 -2.85
C THR B 150 -1.43 -0.41 -1.69
N THR B 151 -2.34 -1.37 -1.96
CA THR B 151 -3.18 -1.90 -0.90
C THR B 151 -2.38 -2.80 0.03
N LEU B 152 -1.57 -3.68 -0.55
CA LEU B 152 -0.78 -4.64 0.22
C LEU B 152 0.33 -3.95 1.00
N1 CRO B 153 1.11 -3.00 0.26
CA1 CRO B 153 2.12 -2.25 0.98
CB1 CRO B 153 3.49 -2.43 0.36
CG1 CRO B 153 3.86 -3.95 0.45
OG1 CRO B 153 3.58 -2.07 -0.98
C1 CRO B 153 1.64 -0.76 0.92
N2 CRO B 153 2.10 0.15 0.01
N3 CRO B 153 0.73 -0.18 1.74
C2 CRO B 153 0.58 1.08 1.33
O2 CRO B 153 -0.14 1.88 1.83
CA2 CRO B 153 1.44 1.29 0.25
CA3 CRO B 153 -0.04 -0.82 2.84
C3 CRO B 153 0.43 -0.60 4.24
O3 CRO B 153 -0.28 -0.84 5.17
CB2 CRO B 153 1.56 2.45 -0.41
CG2 CRO B 153 2.26 2.72 -1.72
CD1 CRO B 153 3.07 1.81 -2.38
CD2 CRO B 153 2.06 4.00 -2.27
CE1 CRO B 153 3.69 2.18 -3.58
CE2 CRO B 153 2.66 4.36 -3.47
CZ CRO B 153 3.47 3.45 -4.11
OH CRO B 153 4.07 3.83 -5.31
N VAL B 154 1.86 -0.61 4.29
CA VAL B 154 2.47 -0.55 5.61
C VAL B 154 3.42 0.65 5.68
N GLN B 155 2.85 1.85 5.56
CA GLN B 155 3.65 3.06 5.43
C GLN B 155 4.34 3.45 6.73
N CYS B 156 4.07 2.72 7.81
CA CYS B 156 4.91 2.81 8.99
C CYS B 156 6.34 2.38 8.75
N PHE B 157 6.65 1.74 7.63
CA PHE B 157 8.05 1.41 7.35
C PHE B 157 8.75 2.48 6.51
N SER B 158 8.11 3.61 6.29
CA SER B 158 8.75 4.71 5.58
C SER B 158 9.94 5.23 6.39
N ARG B 159 10.99 5.67 5.69
CA ARG B 159 12.10 6.33 6.37
C ARG B 159 11.78 7.82 6.48
N TYR B 160 11.54 8.28 7.70
CA TYR B 160 11.41 9.70 7.97
C TYR B 160 12.78 10.26 8.31
N PRO B 161 13.31 11.22 7.54
CA PRO B 161 14.60 11.81 7.92
C PRO B 161 14.55 12.37 9.33
N ASP B 162 15.73 12.47 9.95
CA ASP B 162 15.82 12.96 11.32
C ASP B 162 15.10 14.29 11.49
N HIS B 163 15.28 15.22 10.55
CA HIS B 163 14.65 16.52 10.73
C HIS B 163 13.15 16.46 10.53
N MET B 164 12.61 15.28 10.17
CA MET B 164 11.19 15.12 9.88
C MET B 164 10.51 14.17 10.85
N LYS B 165 11.19 13.76 11.93
CA LYS B 165 10.68 12.75 12.87
C LYS B 165 9.29 13.12 13.39
N GLN B 166 9.04 14.40 13.64
CA GLN B 166 7.79 14.81 14.28
C GLN B 166 6.57 14.75 13.35
N HIS B 167 6.76 14.35 12.09
CA HIS B 167 5.68 14.25 11.12
C HIS B 167 5.29 12.80 10.81
N ASP B 168 5.80 11.84 11.57
CA ASP B 168 5.58 10.42 11.28
C ASP B 168 4.35 9.95 12.05
N PHE B 169 3.17 10.19 11.46
CA PHE B 169 1.93 9.70 12.06
C PHE B 169 1.94 8.18 12.18
N PHE B 170 2.38 7.49 11.13
CA PHE B 170 2.21 6.04 11.05
C PHE B 170 2.83 5.32 12.24
N LYS B 171 4.11 5.61 12.53
CA LYS B 171 4.75 4.96 13.67
C LYS B 171 4.15 5.44 14.98
N SER B 172 3.70 6.69 15.06
CA SER B 172 3.21 7.21 16.33
C SER B 172 1.94 6.50 16.80
N ALA B 173 1.18 5.92 15.87
CA ALA B 173 -0.06 5.22 16.21
C ALA B 173 0.18 3.81 16.74
N MET B 174 1.40 3.30 16.62
CA MET B 174 1.78 1.96 17.08
C MET B 174 2.07 1.93 18.59
N PRO B 175 1.84 0.77 19.25
CA PRO B 175 1.48 -0.53 18.66
C PRO B 175 -0.02 -0.75 18.40
N GLU B 176 -0.88 0.09 18.97
CA GLU B 176 -2.32 -0.12 18.83
C GLU B 176 -2.76 -0.08 17.37
N GLY B 177 -2.12 0.78 16.57
CA GLY B 177 -2.25 0.71 15.12
C GLY B 177 -3.20 1.75 14.55
N TYR B 178 -3.44 1.60 13.25
CA TYR B 178 -4.35 2.51 12.58
C TYR B 178 -5.21 1.77 11.56
N ILE B 179 -6.33 2.39 11.23
CA ILE B 179 -7.18 1.93 10.13
C ILE B 179 -6.82 2.73 8.89
N GLN B 180 -6.56 2.04 7.78
CA GLN B 180 -6.25 2.68 6.51
C GLN B 180 -7.37 2.38 5.53
N GLU B 181 -8.04 3.43 5.04
CA GLU B 181 -9.12 3.30 4.08
C GLU B 181 -8.76 4.00 2.78
N ARG B 182 -9.10 3.37 1.65
CA ARG B 182 -8.88 3.98 0.36
C ARG B 182 -10.07 3.75 -0.54
N THR B 183 -10.23 4.65 -1.51
CA THR B 183 -10.90 4.34 -2.76
C THR B 183 -9.88 4.57 -3.88
N ILE B 184 -9.82 3.65 -4.82
CA ILE B 184 -8.89 3.74 -5.92
C ILE B 184 -9.74 3.75 -7.18
N PHE B 185 -9.75 4.85 -7.92
CA PHE B 185 -10.51 4.97 -9.14
CA PHE B 185 -10.52 4.94 -9.15
C PHE B 185 -9.59 4.65 -10.33
N PHE B 186 -9.86 3.55 -11.02
CA PHE B 186 -9.16 3.27 -12.27
C PHE B 186 -9.85 4.02 -13.39
N LYS B 187 -9.15 4.98 -13.97
CA LYS B 187 -9.77 5.88 -14.93
C LYS B 187 -10.40 5.08 -16.06
N ASP B 188 -11.65 5.41 -16.37
CA ASP B 188 -12.43 4.76 -17.42
C ASP B 188 -12.70 3.29 -17.11
N ASP B 189 -12.70 2.92 -15.84
CA ASP B 189 -12.92 1.54 -15.43
C ASP B 189 -13.47 1.54 -14.00
N GLY B 190 -13.30 0.43 -13.30
CA GLY B 190 -13.89 0.27 -11.98
C GLY B 190 -13.07 0.88 -10.86
N ASN B 191 -13.49 0.59 -9.63
CA ASN B 191 -12.85 1.15 -8.45
C ASN B 191 -12.66 0.06 -7.40
N TYR B 192 -11.58 0.20 -6.62
CA TYR B 192 -11.37 -0.54 -5.40
C TYR B 192 -11.75 0.35 -4.22
N LYS B 193 -12.39 -0.25 -3.23
CA LYS B 193 -12.53 0.36 -1.91
C LYS B 193 -11.90 -0.61 -0.93
N THR B 194 -11.01 -0.10 -0.08
CA THR B 194 -10.26 -0.93 0.85
C THR B 194 -10.41 -0.38 2.26
N ARG B 195 -10.49 -1.30 3.22
CA ARG B 195 -10.33 -1.00 4.63
C ARG B 195 -9.28 -1.95 5.20
N ALA B 196 -8.30 -1.41 5.90
CA ALA B 196 -7.23 -2.22 6.45
C ALA B 196 -6.95 -1.81 7.88
N GLU B 197 -6.63 -2.80 8.70
CA GLU B 197 -6.17 -2.59 10.07
C GLU B 197 -4.68 -2.92 10.10
N VAL B 198 -3.85 -1.96 10.49
CA VAL B 198 -2.40 -2.15 10.55
C VAL B 198 -2.01 -2.00 12.01
N LYS B 199 -1.47 -3.07 12.61
CA LYS B 199 -1.10 -3.01 14.03
C LYS B 199 -0.12 -4.13 14.33
N PHE B 200 0.48 -4.06 15.52
CA PHE B 200 1.38 -5.11 15.97
C PHE B 200 0.61 -6.26 16.57
N GLU B 201 1.02 -7.47 16.23
CA GLU B 201 0.64 -8.69 16.95
C GLU B 201 1.94 -9.23 17.53
N GLY B 202 2.19 -8.95 18.80
CA GLY B 202 3.49 -9.26 19.38
C GLY B 202 4.56 -8.43 18.68
N ASP B 203 5.64 -9.09 18.27
CA ASP B 203 6.74 -8.48 17.53
C ASP B 203 6.45 -8.28 16.05
N THR B 204 5.30 -8.73 15.55
CA THR B 204 5.02 -8.77 14.12
C THR B 204 4.09 -7.65 13.70
N LEU B 205 4.45 -6.93 12.64
CA LEU B 205 3.58 -5.90 12.09
C LEU B 205 2.62 -6.56 11.10
N VAL B 206 1.31 -6.42 11.35
CA VAL B 206 0.29 -7.13 10.58
C VAL B 206 -0.59 -6.14 9.80
N ASN B 207 -0.85 -6.44 8.53
CA ASN B 207 -1.76 -5.66 7.68
C ASN B 207 -2.91 -6.56 7.27
N ARG B 208 -4.10 -6.35 7.83
CA ARG B 208 -5.29 -7.11 7.47
C ARG B 208 -6.22 -6.23 6.65
N ILE B 209 -6.57 -6.70 5.44
CA ILE B 209 -7.21 -5.89 4.43
C ILE B 209 -8.49 -6.56 3.94
N GLU B 210 -9.54 -5.76 3.75
CA GLU B 210 -10.69 -6.21 3.01
C GLU B 210 -10.81 -5.29 1.80
N LEU B 211 -10.96 -5.86 0.60
CA LEU B 211 -11.01 -5.10 -0.64
C LEU B 211 -12.28 -5.46 -1.40
N LYS B 212 -13.01 -4.44 -1.85
CA LYS B 212 -14.20 -4.60 -2.68
C LYS B 212 -14.00 -3.80 -3.97
N GLY B 213 -14.13 -4.48 -5.10
CA GLY B 213 -13.94 -3.86 -6.40
C GLY B 213 -15.20 -4.00 -7.22
N ILE B 214 -15.60 -2.92 -7.88
CA ILE B 214 -16.91 -2.81 -8.54
C ILE B 214 -16.80 -2.01 -9.83
N ASP B 215 -17.69 -2.31 -10.78
CA ASP B 215 -17.87 -1.56 -12.03
C ASP B 215 -16.69 -1.72 -12.97
N PHE B 216 -15.96 -2.83 -12.86
CA PHE B 216 -14.88 -3.10 -13.79
C PHE B 216 -15.42 -3.67 -15.11
N LYS B 217 -14.80 -3.26 -16.20
CA LYS B 217 -15.18 -3.71 -17.52
C LYS B 217 -14.52 -5.06 -17.80
N GLU B 218 -15.31 -6.01 -18.29
CA GLU B 218 -14.84 -7.40 -18.34
C GLU B 218 -13.60 -7.55 -19.21
N ASP B 219 -13.47 -6.75 -20.26
CA ASP B 219 -12.29 -6.80 -21.12
C ASP B 219 -11.47 -5.52 -21.05
N GLY B 220 -11.58 -4.77 -19.94
CA GLY B 220 -10.75 -3.62 -19.70
C GLY B 220 -9.34 -4.03 -19.28
N ASN B 221 -8.56 -3.04 -18.89
CA ASN B 221 -7.15 -3.29 -18.59
C ASN B 221 -6.94 -4.10 -17.32
N ILE B 222 -7.90 -4.08 -16.38
CA ILE B 222 -7.74 -4.79 -15.11
C ILE B 222 -8.19 -6.24 -15.29
N LEU B 223 -9.50 -6.46 -15.52
CA LEU B 223 -9.98 -7.83 -15.65
C LEU B 223 -9.40 -8.53 -16.87
N GLY B 224 -9.01 -7.78 -17.90
CA GLY B 224 -8.36 -8.36 -19.07
C GLY B 224 -6.87 -8.55 -18.96
N HIS B 225 -6.28 -8.27 -17.78
CA HIS B 225 -4.86 -8.44 -17.51
C HIS B 225 -3.99 -7.84 -18.61
N LYS B 226 -4.15 -6.54 -18.82
CA LYS B 226 -3.44 -5.82 -19.87
C LYS B 226 -2.34 -4.92 -19.31
N LEU B 227 -1.95 -5.12 -18.07
CA LEU B 227 -0.93 -4.30 -17.44
C LEU B 227 0.41 -5.03 -17.42
N GLU B 228 1.48 -4.27 -17.66
CA GLU B 228 2.83 -4.79 -17.53
C GLU B 228 3.11 -5.16 -16.08
N TYR B 229 3.93 -6.20 -15.89
CA TYR B 229 4.26 -6.64 -14.52
C TYR B 229 5.44 -5.81 -14.05
N ASN B 230 5.15 -4.65 -13.47
CA ASN B 230 6.15 -3.73 -12.94
C ASN B 230 5.42 -2.63 -12.17
N PHE B 231 6.18 -1.68 -11.65
CA PHE B 231 5.60 -0.62 -10.82
C PHE B 231 6.53 0.58 -10.79
N ASN B 232 6.12 1.69 -11.38
CA ASN B 232 6.91 2.92 -11.33
C ASN B 232 6.19 3.97 -10.47
#